data_2DCO
#
_entry.id   2DCO
#
_entity_poly.entity_id   1
_entity_poly.type   'polypeptide(L)'
_entity_poly.pdbx_seq_one_letter_code
;GSYDAYRTDCEELSGARTFRLAPAQWSCRETFQA
;
_entity_poly.pdbx_strand_id   A
#
# COMPACT_ATOMS: atom_id res chain seq x y z
N GLY A 1 6.10 -0.04 -10.59
CA GLY A 1 5.15 -0.45 -9.53
C GLY A 1 3.79 -0.75 -10.13
N SER A 2 2.73 -0.37 -9.42
CA SER A 2 1.37 -0.18 -9.94
C SER A 2 0.70 -1.38 -10.65
N TYR A 3 1.02 -2.62 -10.23
CA TYR A 3 0.35 -3.86 -10.65
C TYR A 3 -1.18 -3.71 -10.75
N ASP A 4 -1.69 -3.60 -11.98
CA ASP A 4 -3.07 -3.22 -12.36
C ASP A 4 -3.73 -2.18 -11.43
N ALA A 5 -2.95 -1.16 -11.03
CA ALA A 5 -3.28 -0.12 -10.06
C ALA A 5 -3.64 -0.60 -8.63
N TYR A 6 -3.47 -1.88 -8.29
CA TYR A 6 -3.67 -2.41 -6.93
C TYR A 6 -2.44 -2.13 -6.04
N ARG A 7 -1.26 -2.62 -6.40
CA ARG A 7 -0.06 -2.47 -5.56
C ARG A 7 0.55 -1.05 -5.64
N THR A 8 -0.02 -0.16 -6.46
CA THR A 8 0.35 1.27 -6.53
C THR A 8 0.25 1.99 -5.18
N ASP A 9 -0.63 1.51 -4.30
CA ASP A 9 -0.65 1.80 -2.86
C ASP A 9 0.51 1.09 -2.16
N CYS A 10 0.50 -0.25 -2.25
CA CYS A 10 1.38 -1.17 -1.52
C CYS A 10 2.90 -0.96 -1.70
N GLU A 11 3.36 -0.19 -2.70
CA GLU A 11 4.78 0.23 -2.78
C GLU A 11 5.17 1.33 -1.77
N GLU A 12 4.23 2.20 -1.35
CA GLU A 12 4.44 3.04 -0.15
C GLU A 12 4.51 2.18 1.11
N LEU A 13 3.60 1.21 1.24
CA LEU A 13 3.53 0.33 2.41
C LEU A 13 4.78 -0.57 2.53
N SER A 14 5.50 -0.80 1.43
CA SER A 14 6.80 -1.49 1.41
C SER A 14 7.97 -0.59 1.91
N GLY A 15 7.93 0.72 1.67
CA GLY A 15 9.05 1.65 1.94
C GLY A 15 8.69 2.94 2.69
N ALA A 16 7.81 3.77 2.13
CA ALA A 16 7.33 5.01 2.76
C ALA A 16 6.57 4.80 4.09
N ARG A 17 6.13 3.56 4.38
CA ARG A 17 5.55 3.12 5.66
C ARG A 17 6.16 3.80 6.91
N THR A 18 7.49 3.98 6.97
CA THR A 18 8.22 4.63 8.07
C THR A 18 7.73 6.06 8.38
N PHE A 19 7.05 6.71 7.43
CA PHE A 19 6.48 8.05 7.54
C PHE A 19 4.95 8.04 7.27
N ARG A 20 4.33 6.85 7.29
CA ARG A 20 2.89 6.63 7.08
C ARG A 20 2.33 5.75 8.22
N LEU A 21 2.62 4.45 8.18
CA LEU A 21 2.09 3.31 8.97
C LEU A 21 0.59 3.27 9.38
N ALA A 22 -0.21 4.30 9.11
CA ALA A 22 -1.67 4.31 9.25
C ALA A 22 -2.42 4.99 8.08
N PRO A 23 -2.10 6.24 7.64
CA PRO A 23 -2.83 6.92 6.54
C PRO A 23 -2.84 6.18 5.20
N ALA A 24 -1.88 5.28 4.98
CA ALA A 24 -1.79 4.44 3.78
C ALA A 24 -1.96 2.93 4.09
N GLN A 25 -1.88 2.51 5.37
CA GLN A 25 -2.16 1.12 5.78
C GLN A 25 -3.67 0.84 5.80
N TRP A 26 -4.30 1.07 4.65
CA TRP A 26 -5.75 1.18 4.45
C TRP A 26 -6.22 0.63 3.08
N SER A 27 -5.29 0.12 2.25
CA SER A 27 -5.62 -0.35 0.89
C SER A 27 -5.02 -1.72 0.57
N CYS A 28 -3.69 -1.91 0.43
CA CYS A 28 -3.11 -3.21 0.06
C CYS A 28 -3.65 -4.41 0.84
N ARG A 29 -3.73 -4.24 2.17
CA ARG A 29 -4.23 -5.20 3.15
C ARG A 29 -5.72 -5.61 2.99
N GLU A 30 -6.50 -4.93 2.14
CA GLU A 30 -7.98 -5.05 2.11
C GLU A 30 -8.65 -4.82 0.75
N THR A 31 -8.15 -3.91 -0.07
CA THR A 31 -8.57 -3.72 -1.48
C THR A 31 -8.34 -4.99 -2.31
N PHE A 32 -7.29 -5.76 -1.98
CA PHE A 32 -7.00 -7.08 -2.57
C PHE A 32 -6.47 -8.11 -1.56
N GLN A 33 -6.47 -7.79 -0.26
CA GLN A 33 -6.08 -8.69 0.84
C GLN A 33 -4.60 -9.15 0.78
N ALA A 34 -3.71 -8.24 0.37
CA ALA A 34 -2.26 -8.38 0.23
C ALA A 34 -1.79 -9.40 -0.83
N GLY A 1 5.46 1.01 -9.69
CA GLY A 1 5.44 -0.45 -9.97
C GLY A 1 4.02 -0.92 -10.25
N SER A 2 3.12 -0.69 -9.30
CA SER A 2 1.74 -0.29 -9.63
C SER A 2 0.84 -1.34 -10.34
N TYR A 3 1.14 -2.63 -10.16
CA TYR A 3 0.32 -3.79 -10.58
C TYR A 3 -1.20 -3.50 -10.55
N ASP A 4 -1.79 -3.33 -11.74
CA ASP A 4 -3.17 -2.88 -12.02
C ASP A 4 -3.74 -1.85 -11.03
N ALA A 5 -2.91 -0.87 -10.64
CA ALA A 5 -3.14 0.12 -9.57
C ALA A 5 -3.46 -0.46 -8.17
N TYR A 6 -3.52 -1.78 -7.99
CA TYR A 6 -3.74 -2.44 -6.69
C TYR A 6 -2.51 -2.27 -5.79
N ARG A 7 -1.32 -2.67 -6.26
CA ARG A 7 -0.12 -2.57 -5.43
C ARG A 7 0.47 -1.15 -5.39
N THR A 8 0.00 -0.19 -6.20
CA THR A 8 0.60 1.16 -6.26
C THR A 8 0.55 1.92 -4.93
N ASP A 9 -0.43 1.60 -4.07
CA ASP A 9 -0.47 2.03 -2.67
C ASP A 9 0.49 1.18 -1.82
N CYS A 10 0.38 -0.15 -1.93
CA CYS A 10 1.25 -1.16 -1.30
C CYS A 10 2.75 -1.01 -1.62
N GLU A 11 3.11 -0.17 -2.59
CA GLU A 11 4.46 0.30 -2.88
C GLU A 11 5.03 1.14 -1.73
N GLU A 12 4.22 2.02 -1.12
CA GLU A 12 4.60 2.83 0.06
C GLU A 12 4.86 1.96 1.29
N LEU A 13 4.07 0.90 1.44
CA LEU A 13 4.16 -0.09 2.53
C LEU A 13 5.51 -0.86 2.53
N SER A 14 6.33 -0.70 1.49
CA SER A 14 7.69 -1.23 1.42
C SER A 14 8.79 -0.18 1.71
N GLY A 15 8.47 1.12 1.85
CA GLY A 15 9.47 2.17 2.08
C GLY A 15 8.95 3.46 2.73
N ALA A 16 7.98 4.15 2.10
CA ALA A 16 7.38 5.37 2.65
C ALA A 16 6.56 5.13 3.94
N ARG A 17 6.27 3.86 4.29
CA ARG A 17 5.73 3.39 5.57
C ARG A 17 6.24 4.17 6.80
N THR A 18 7.54 4.48 6.85
CA THR A 18 8.22 5.22 7.93
C THR A 18 7.63 6.63 8.18
N PHE A 19 6.87 7.15 7.21
CA PHE A 19 6.21 8.46 7.23
C PHE A 19 4.69 8.34 7.03
N ARG A 20 4.15 7.12 7.17
CA ARG A 20 2.74 6.77 6.94
C ARG A 20 2.22 5.89 8.10
N LEU A 21 2.68 4.63 8.16
CA LEU A 21 2.21 3.46 8.94
C LEU A 21 0.69 3.27 9.26
N ALA A 22 -0.20 4.19 8.88
CA ALA A 22 -1.65 4.05 8.98
C ALA A 22 -2.43 4.54 7.74
N PRO A 23 -2.20 5.74 7.15
CA PRO A 23 -2.97 6.23 5.99
C PRO A 23 -2.94 5.30 4.77
N ALA A 24 -1.78 4.70 4.48
CA ALA A 24 -1.60 3.75 3.38
C ALA A 24 -1.84 2.29 3.81
N GLN A 25 -1.66 1.97 5.11
CA GLN A 25 -2.03 0.67 5.69
C GLN A 25 -3.57 0.53 5.88
N TRP A 26 -4.30 0.94 4.84
CA TRP A 26 -5.76 0.97 4.72
C TRP A 26 -6.22 0.56 3.30
N SER A 27 -5.30 -0.03 2.51
CA SER A 27 -5.51 -0.40 1.11
C SER A 27 -5.03 -1.81 0.78
N CYS A 28 -3.72 -2.12 0.84
CA CYS A 28 -3.17 -3.37 0.29
C CYS A 28 -3.85 -4.64 0.82
N ARG A 29 -4.10 -4.67 2.13
CA ARG A 29 -4.72 -5.79 2.85
C ARG A 29 -6.27 -5.79 2.81
N GLU A 30 -6.91 -4.88 2.07
CA GLU A 30 -8.39 -4.74 2.06
C GLU A 30 -9.03 -4.34 0.72
N THR A 31 -8.34 -3.58 -0.14
CA THR A 31 -8.71 -3.39 -1.55
C THR A 31 -8.67 -4.72 -2.33
N PHE A 32 -7.73 -5.61 -1.98
CA PHE A 32 -7.57 -6.93 -2.60
C PHE A 32 -7.07 -8.03 -1.64
N GLN A 33 -7.02 -7.76 -0.32
CA GLN A 33 -6.65 -8.72 0.73
C GLN A 33 -5.22 -9.29 0.61
N ALA A 34 -4.27 -8.45 0.17
CA ALA A 34 -2.83 -8.73 0.01
C ALA A 34 -2.50 -9.96 -0.86
N GLY A 1 6.89 -0.84 -10.40
CA GLY A 1 5.85 -0.25 -9.55
C GLY A 1 4.48 -0.45 -10.19
N SER A 2 3.43 -0.39 -9.36
CA SER A 2 2.03 -0.61 -9.69
C SER A 2 1.67 -2.06 -10.10
N TYR A 3 0.36 -2.36 -10.06
CA TYR A 3 -0.28 -3.56 -10.61
C TYR A 3 -1.76 -3.21 -10.77
N ASP A 4 -2.17 -2.87 -12.01
CA ASP A 4 -3.49 -2.30 -12.36
C ASP A 4 -4.05 -1.30 -11.31
N ALA A 5 -3.21 -0.33 -10.93
CA ALA A 5 -3.44 0.67 -9.88
C ALA A 5 -3.77 0.13 -8.46
N TYR A 6 -3.60 -1.16 -8.17
CA TYR A 6 -3.86 -1.76 -6.87
C TYR A 6 -2.62 -1.78 -5.96
N ARG A 7 -1.51 -2.43 -6.38
CA ARG A 7 -0.32 -2.52 -5.51
C ARG A 7 0.53 -1.23 -5.47
N THR A 8 0.17 -0.21 -6.24
CA THR A 8 0.83 1.11 -6.26
C THR A 8 0.89 1.78 -4.88
N ASP A 9 -0.17 1.62 -4.07
CA ASP A 9 -0.19 1.94 -2.64
C ASP A 9 0.77 1.00 -1.87
N CYS A 10 0.62 -0.30 -2.11
CA CYS A 10 1.36 -1.41 -1.50
C CYS A 10 2.88 -1.44 -1.76
N GLU A 11 3.47 -0.41 -2.39
CA GLU A 11 4.93 -0.20 -2.42
C GLU A 11 5.40 1.00 -1.60
N GLU A 12 4.50 1.92 -1.18
CA GLU A 12 4.75 2.77 0.00
C GLU A 12 4.89 1.93 1.26
N LEU A 13 4.04 0.91 1.40
CA LEU A 13 4.12 -0.10 2.46
C LEU A 13 5.48 -0.82 2.50
N SER A 14 6.22 -0.83 1.38
CA SER A 14 7.56 -1.41 1.27
C SER A 14 8.70 -0.45 1.69
N GLY A 15 8.44 0.86 1.84
CA GLY A 15 9.49 1.84 2.20
C GLY A 15 8.99 3.15 2.81
N ALA A 16 8.11 3.89 2.12
CA ALA A 16 7.53 5.15 2.63
C ALA A 16 6.66 4.98 3.89
N ARG A 17 6.29 3.73 4.25
CA ARG A 17 5.64 3.33 5.50
C ARG A 17 6.08 4.12 6.74
N THR A 18 7.38 4.43 6.89
CA THR A 18 7.97 5.22 7.98
C THR A 18 7.34 6.62 8.16
N PHE A 19 6.68 7.14 7.12
CA PHE A 19 6.01 8.45 7.08
C PHE A 19 4.51 8.31 6.80
N ARG A 20 3.96 7.09 6.94
CA ARG A 20 2.54 6.78 6.78
C ARG A 20 2.04 5.92 7.94
N LEU A 21 2.46 4.65 7.99
CA LEU A 21 1.99 3.51 8.78
C LEU A 21 0.48 3.32 9.10
N ALA A 22 -0.40 4.26 8.71
CA ALA A 22 -1.86 4.13 8.78
C ALA A 22 -2.61 4.60 7.50
N PRO A 23 -2.33 5.78 6.88
CA PRO A 23 -3.04 6.23 5.67
C PRO A 23 -3.02 5.25 4.50
N ALA A 24 -1.86 4.61 4.25
CA ALA A 24 -1.68 3.61 3.20
C ALA A 24 -1.90 2.17 3.70
N GLN A 25 -1.67 1.90 5.00
CA GLN A 25 -2.04 0.63 5.66
C GLN A 25 -3.56 0.47 5.89
N TRP A 26 -4.33 0.94 4.91
CA TRP A 26 -5.79 0.89 4.79
C TRP A 26 -6.25 0.55 3.35
N SER A 27 -5.34 0.03 2.51
CA SER A 27 -5.59 -0.26 1.09
C SER A 27 -5.19 -1.70 0.75
N CYS A 28 -3.89 -1.99 0.61
CA CYS A 28 -3.39 -3.29 0.12
C CYS A 28 -3.98 -4.49 0.88
N ARG A 29 -3.96 -4.37 2.22
CA ARG A 29 -4.45 -5.35 3.19
C ARG A 29 -5.97 -5.66 3.11
N GLU A 30 -6.74 -4.91 2.31
CA GLU A 30 -8.21 -4.99 2.31
C GLU A 30 -8.87 -4.87 0.93
N THR A 31 -8.39 -3.97 0.07
CA THR A 31 -8.81 -3.84 -1.35
C THR A 31 -8.61 -5.15 -2.13
N PHE A 32 -7.56 -5.91 -1.78
CA PHE A 32 -7.30 -7.25 -2.33
C PHE A 32 -6.68 -8.24 -1.32
N GLN A 33 -6.75 -7.92 -0.02
CA GLN A 33 -6.33 -8.79 1.09
C GLN A 33 -4.81 -9.13 1.10
N ALA A 34 -3.98 -8.22 0.59
CA ALA A 34 -2.53 -8.33 0.37
C ALA A 34 -2.08 -9.58 -0.41
N GLY A 1 5.86 -1.49 -11.38
CA GLY A 1 5.21 -1.40 -10.05
C GLY A 1 3.72 -1.60 -10.22
N SER A 2 2.91 -0.90 -9.45
CA SER A 2 1.55 -0.44 -9.83
C SER A 2 0.53 -1.44 -10.46
N TYR A 3 0.71 -2.76 -10.28
CA TYR A 3 -0.19 -3.85 -10.71
C TYR A 3 -1.69 -3.49 -10.62
N ASP A 4 -2.32 -3.40 -11.80
CA ASP A 4 -3.69 -2.90 -12.08
C ASP A 4 -4.17 -1.77 -11.16
N ALA A 5 -3.27 -0.81 -10.87
CA ALA A 5 -3.44 0.31 -9.95
C ALA A 5 -3.79 -0.05 -8.49
N TYR A 6 -3.65 -1.31 -8.08
CA TYR A 6 -3.86 -1.72 -6.68
C TYR A 6 -2.54 -1.73 -5.90
N ARG A 7 -1.49 -2.39 -6.41
CA ARG A 7 -0.22 -2.47 -5.68
C ARG A 7 0.61 -1.17 -5.74
N THR A 8 0.14 -0.18 -6.50
CA THR A 8 0.65 1.21 -6.54
C THR A 8 0.56 1.92 -5.18
N ASP A 9 -0.45 1.54 -4.37
CA ASP A 9 -0.52 1.84 -2.93
C ASP A 9 0.63 1.13 -2.21
N CYS A 10 0.64 -0.20 -2.34
CA CYS A 10 1.47 -1.16 -1.62
C CYS A 10 2.99 -1.03 -1.79
N GLU A 11 3.49 0.02 -2.46
CA GLU A 11 4.92 0.35 -2.57
C GLU A 11 5.33 1.46 -1.60
N GLU A 12 4.41 2.35 -1.17
CA GLU A 12 4.60 3.14 0.06
C GLU A 12 4.71 2.22 1.29
N LEU A 13 3.83 1.21 1.34
CA LEU A 13 3.78 0.18 2.38
C LEU A 13 5.03 -0.73 2.41
N SER A 14 5.98 -0.52 1.49
CA SER A 14 7.28 -1.21 1.44
C SER A 14 8.47 -0.28 1.78
N GLY A 15 8.25 1.03 1.94
CA GLY A 15 9.34 1.98 2.25
C GLY A 15 8.90 3.26 2.96
N ALA A 16 7.97 4.03 2.36
CA ALA A 16 7.41 5.25 2.97
C ALA A 16 6.60 4.97 4.26
N ARG A 17 6.20 3.71 4.49
CA ARG A 17 5.59 3.18 5.72
C ARG A 17 6.10 3.82 7.02
N THR A 18 7.41 4.02 7.15
CA THR A 18 8.09 4.64 8.31
C THR A 18 7.57 6.04 8.66
N PHE A 19 6.92 6.71 7.70
CA PHE A 19 6.34 8.05 7.83
C PHE A 19 4.84 8.06 7.45
N ARG A 20 4.21 6.87 7.42
CA ARG A 20 2.79 6.65 7.10
C ARG A 20 2.15 5.73 8.17
N LEU A 21 2.45 4.44 8.11
CA LEU A 21 1.87 3.28 8.84
C LEU A 21 0.35 3.22 9.17
N ALA A 22 -0.44 4.25 8.85
CA ALA A 22 -1.91 4.24 8.93
C ALA A 22 -2.63 4.96 7.76
N PRO A 23 -2.23 6.15 7.26
CA PRO A 23 -2.86 6.81 6.09
C PRO A 23 -2.80 6.02 4.79
N ALA A 24 -1.88 5.05 4.68
CA ALA A 24 -1.68 4.21 3.50
C ALA A 24 -1.83 2.70 3.80
N GLN A 25 -1.59 2.24 5.03
CA GLN A 25 -1.92 0.87 5.48
C GLN A 25 -3.45 0.69 5.66
N TRP A 26 -4.19 0.97 4.60
CA TRP A 26 -5.65 1.03 4.49
C TRP A 26 -6.16 0.56 3.09
N SER A 27 -5.26 0.07 2.22
CA SER A 27 -5.61 -0.31 0.84
C SER A 27 -5.07 -1.69 0.46
N CYS A 28 -3.75 -1.90 0.28
CA CYS A 28 -3.18 -3.21 -0.10
C CYS A 28 -3.71 -4.39 0.73
N ARG A 29 -3.80 -4.18 2.05
CA ARG A 29 -4.28 -5.13 3.06
C ARG A 29 -5.77 -5.55 2.92
N GLU A 30 -6.55 -4.91 2.05
CA GLU A 30 -8.03 -5.05 2.03
C GLU A 30 -8.70 -4.85 0.66
N THR A 31 -8.14 -3.99 -0.21
CA THR A 31 -8.53 -3.90 -1.64
C THR A 31 -8.32 -5.24 -2.36
N PHE A 32 -7.28 -5.99 -1.97
CA PHE A 32 -7.00 -7.34 -2.46
C PHE A 32 -6.41 -8.29 -1.39
N GLN A 33 -6.47 -7.90 -0.11
CA GLN A 33 -6.07 -8.73 1.04
C GLN A 33 -4.57 -9.14 1.07
N ALA A 34 -3.69 -8.23 0.60
CA ALA A 34 -2.23 -8.38 0.49
C ALA A 34 -1.76 -9.63 -0.28
N GLY A 1 5.25 1.13 -9.21
CA GLY A 1 5.23 -0.34 -9.35
C GLY A 1 3.89 -0.77 -9.92
N SER A 2 2.84 -0.56 -9.15
CA SER A 2 1.53 -0.16 -9.68
C SER A 2 0.80 -1.19 -10.54
N TYR A 3 1.01 -2.50 -10.25
CA TYR A 3 0.29 -3.64 -10.81
C TYR A 3 -1.23 -3.39 -10.91
N ASP A 4 -1.73 -3.13 -12.14
CA ASP A 4 -3.08 -2.64 -12.47
C ASP A 4 -3.62 -1.61 -11.45
N ALA A 5 -2.76 -0.67 -11.05
CA ALA A 5 -2.89 0.28 -9.95
C ALA A 5 -3.09 -0.29 -8.52
N TYR A 6 -3.56 -1.55 -8.34
CA TYR A 6 -3.82 -2.14 -7.02
C TYR A 6 -2.64 -2.04 -6.06
N ARG A 7 -1.44 -2.49 -6.48
CA ARG A 7 -0.28 -2.50 -5.57
C ARG A 7 0.44 -1.13 -5.49
N THR A 8 -0.04 -0.09 -6.20
CA THR A 8 0.53 1.27 -6.11
C THR A 8 0.41 1.86 -4.71
N ASP A 9 -0.60 1.40 -3.94
CA ASP A 9 -0.71 1.56 -2.49
C ASP A 9 0.39 0.76 -1.78
N CYS A 10 0.39 -0.56 -2.02
CA CYS A 10 1.25 -1.58 -1.42
C CYS A 10 2.77 -1.47 -1.68
N GLU A 11 3.24 -0.40 -2.33
CA GLU A 11 4.67 -0.05 -2.44
C GLU A 11 5.09 1.09 -1.50
N GLU A 12 4.17 1.99 -1.10
CA GLU A 12 4.40 2.85 0.07
C GLU A 12 4.60 1.99 1.33
N LEU A 13 3.77 0.96 1.47
CA LEU A 13 3.87 -0.06 2.51
C LEU A 13 5.22 -0.82 2.50
N SER A 14 6.01 -0.71 1.44
CA SER A 14 7.33 -1.34 1.30
C SER A 14 8.49 -0.38 1.66
N GLY A 15 8.26 0.93 1.78
CA GLY A 15 9.33 1.90 2.11
C GLY A 15 8.83 3.20 2.76
N ALA A 16 7.94 3.93 2.09
CA ALA A 16 7.37 5.18 2.63
C ALA A 16 6.59 5.00 3.96
N ARG A 17 6.19 3.75 4.28
CA ARG A 17 5.65 3.32 5.57
C ARG A 17 6.24 4.03 6.79
N THR A 18 7.57 4.24 6.84
CA THR A 18 8.28 4.91 7.94
C THR A 18 7.81 6.35 8.23
N PHE A 19 7.12 6.98 7.26
CA PHE A 19 6.52 8.31 7.38
C PHE A 19 5.00 8.30 7.09
N ARG A 20 4.38 7.12 7.16
CA ARG A 20 2.94 6.91 6.95
C ARG A 20 2.36 6.06 8.10
N LEU A 21 2.78 4.79 8.19
CA LEU A 21 2.32 3.65 9.03
C LEU A 21 0.82 3.48 9.40
N ALA A 22 -0.07 4.41 9.06
CA ALA A 22 -1.53 4.26 9.18
C ALA A 22 -2.32 4.74 7.94
N PRO A 23 -2.17 6.00 7.41
CA PRO A 23 -2.99 6.49 6.30
C PRO A 23 -2.89 5.64 5.02
N ALA A 24 -1.68 5.15 4.70
CA ALA A 24 -1.43 4.36 3.51
C ALA A 24 -1.83 2.88 3.66
N GLN A 25 -1.75 2.28 4.85
CA GLN A 25 -2.03 0.85 5.06
C GLN A 25 -3.53 0.53 5.10
N TRP A 26 -4.31 1.11 4.18
CA TRP A 26 -5.77 1.11 4.17
C TRP A 26 -6.37 0.66 2.81
N SER A 27 -5.53 0.15 1.90
CA SER A 27 -5.99 -0.44 0.64
C SER A 27 -5.39 -1.84 0.42
N CYS A 28 -4.06 -2.02 0.34
CA CYS A 28 -3.48 -3.32 -0.01
C CYS A 28 -4.03 -4.51 0.81
N ARG A 29 -4.07 -4.33 2.13
CA ARG A 29 -4.53 -5.32 3.12
C ARG A 29 -6.04 -5.67 3.06
N GLU A 30 -6.83 -5.04 2.18
CA GLU A 30 -8.30 -5.13 2.21
C GLU A 30 -9.01 -4.97 0.87
N THR A 31 -8.52 -4.10 -0.04
CA THR A 31 -8.95 -4.03 -1.44
C THR A 31 -8.66 -5.33 -2.20
N PHE A 32 -7.57 -6.02 -1.83
CA PHE A 32 -7.23 -7.36 -2.35
C PHE A 32 -6.58 -8.30 -1.32
N GLN A 33 -6.60 -7.94 -0.02
CA GLN A 33 -6.14 -8.78 1.10
C GLN A 33 -4.63 -9.16 1.04
N ALA A 34 -3.81 -8.24 0.54
CA ALA A 34 -2.35 -8.34 0.36
C ALA A 34 -1.87 -9.59 -0.40
N GLY A 1 6.33 -1.09 -10.22
CA GLY A 1 5.23 -0.83 -9.27
C GLY A 1 3.87 -1.08 -9.91
N SER A 2 2.83 -0.54 -9.27
CA SER A 2 1.50 -0.26 -9.84
C SER A 2 0.74 -1.42 -10.52
N TYR A 3 0.97 -2.67 -10.09
CA TYR A 3 0.20 -3.88 -10.48
C TYR A 3 -1.31 -3.59 -10.59
N ASP A 4 -1.79 -3.44 -11.82
CA ASP A 4 -3.13 -2.94 -12.22
C ASP A 4 -3.74 -1.88 -11.26
N ALA A 5 -2.91 -0.91 -10.85
CA ALA A 5 -3.21 0.12 -9.84
C ALA A 5 -3.61 -0.37 -8.44
N TYR A 6 -3.53 -1.67 -8.13
CA TYR A 6 -3.76 -2.23 -6.79
C TYR A 6 -2.54 -2.07 -5.87
N ARG A 7 -1.36 -2.54 -6.30
CA ARG A 7 -0.14 -2.44 -5.45
C ARG A 7 0.53 -1.06 -5.53
N THR A 8 -0.01 -0.14 -6.35
CA THR A 8 0.49 1.25 -6.49
C THR A 8 0.52 2.04 -5.17
N ASP A 9 -0.36 1.69 -4.23
CA ASP A 9 -0.32 2.11 -2.82
C ASP A 9 0.69 1.25 -2.04
N CYS A 10 0.56 -0.08 -2.16
CA CYS A 10 1.33 -1.09 -1.45
C CYS A 10 2.86 -1.05 -1.63
N GLU A 11 3.41 -0.25 -2.56
CA GLU A 11 4.86 0.04 -2.59
C GLU A 11 5.30 1.15 -1.63
N GLU A 12 4.41 2.06 -1.20
CA GLU A 12 4.66 2.94 -0.04
C GLU A 12 4.86 2.11 1.23
N LEU A 13 4.05 1.07 1.39
CA LEU A 13 4.12 0.08 2.46
C LEU A 13 5.44 -0.73 2.46
N SER A 14 6.29 -0.55 1.43
CA SER A 14 7.62 -1.12 1.33
C SER A 14 8.76 -0.10 1.59
N GLY A 15 8.46 1.20 1.75
CA GLY A 15 9.50 2.23 1.96
C GLY A 15 9.03 3.54 2.61
N ALA A 16 8.03 4.21 2.02
CA ALA A 16 7.44 5.42 2.61
C ALA A 16 6.68 5.17 3.93
N ARG A 17 6.40 3.90 4.25
CA ARG A 17 5.85 3.39 5.52
C ARG A 17 6.32 4.16 6.78
N THR A 18 7.61 4.52 6.86
CA THR A 18 8.21 5.27 7.97
C THR A 18 7.57 6.64 8.24
N PHE A 19 6.84 7.18 7.26
CA PHE A 19 6.09 8.43 7.33
C PHE A 19 4.60 8.23 6.99
N ARG A 20 4.12 6.97 7.02
CA ARG A 20 2.73 6.58 6.78
C ARG A 20 2.24 5.69 7.93
N LEU A 21 2.62 4.41 7.94
CA LEU A 21 2.21 3.28 8.79
C LEU A 21 0.73 3.13 9.24
N ALA A 22 -0.16 4.09 8.95
CA ALA A 22 -1.61 3.99 9.13
C ALA A 22 -2.43 4.52 7.92
N PRO A 23 -2.20 5.73 7.34
CA PRO A 23 -3.00 6.26 6.21
C PRO A 23 -3.05 5.38 4.96
N ALA A 24 -1.96 4.62 4.71
CA ALA A 24 -1.85 3.69 3.57
C ALA A 24 -1.94 2.21 4.00
N GLN A 25 -1.77 1.91 5.30
CA GLN A 25 -2.10 0.61 5.92
C GLN A 25 -3.62 0.40 6.05
N TRP A 26 -4.34 0.76 4.99
CA TRP A 26 -5.79 0.67 4.83
C TRP A 26 -6.20 0.41 3.36
N SER A 27 -5.26 -0.10 2.55
CA SER A 27 -5.42 -0.29 1.11
C SER A 27 -5.01 -1.71 0.70
N CYS A 28 -3.71 -2.01 0.59
CA CYS A 28 -3.18 -3.28 0.07
C CYS A 28 -3.83 -4.51 0.73
N ARG A 29 -3.93 -4.46 2.06
CA ARG A 29 -4.50 -5.48 2.94
C ARG A 29 -6.03 -5.69 2.83
N GLU A 30 -6.74 -4.93 1.97
CA GLU A 30 -8.21 -4.98 1.87
C GLU A 30 -8.79 -4.66 0.49
N THR A 31 -8.22 -3.72 -0.27
CA THR A 31 -8.57 -3.45 -1.68
C THR A 31 -8.35 -4.67 -2.58
N PHE A 32 -7.42 -5.56 -2.20
CA PHE A 32 -7.28 -6.92 -2.76
C PHE A 32 -6.97 -8.00 -1.69
N GLN A 33 -7.12 -7.67 -0.40
CA GLN A 33 -6.93 -8.59 0.74
C GLN A 33 -5.49 -9.11 0.94
N ALA A 34 -4.49 -8.31 0.53
CA ALA A 34 -3.03 -8.57 0.56
C ALA A 34 -2.51 -9.49 -0.57
N GLY A 1 5.18 1.24 -9.23
CA GLY A 1 5.26 -0.23 -9.45
C GLY A 1 3.92 -0.76 -9.92
N SER A 2 2.87 -0.55 -9.14
CA SER A 2 1.53 -0.30 -9.68
C SER A 2 0.85 -1.47 -10.41
N TYR A 3 1.23 -2.72 -10.09
CA TYR A 3 0.57 -3.96 -10.52
C TYR A 3 -0.97 -3.83 -10.54
N ASP A 4 -1.55 -3.79 -11.75
CA ASP A 4 -2.96 -3.51 -12.07
C ASP A 4 -3.61 -2.45 -11.15
N ALA A 5 -2.85 -1.36 -10.89
CA ALA A 5 -3.08 -0.32 -9.88
C ALA A 5 -3.18 -0.80 -8.41
N TYR A 6 -3.62 -2.04 -8.14
CA TYR A 6 -3.80 -2.62 -6.80
C TYR A 6 -2.61 -2.40 -5.85
N ARG A 7 -1.38 -2.68 -6.29
CA ARG A 7 -0.20 -2.51 -5.41
C ARG A 7 0.36 -1.07 -5.43
N THR A 8 -0.21 -0.14 -6.20
CA THR A 8 0.36 1.21 -6.39
C THR A 8 0.44 2.07 -5.12
N ASP A 9 -0.32 1.70 -4.08
CA ASP A 9 -0.19 2.22 -2.72
C ASP A 9 0.66 1.27 -1.84
N CYS A 10 0.45 -0.04 -1.98
CA CYS A 10 1.21 -1.10 -1.30
C CYS A 10 2.74 -1.09 -1.55
N GLU A 11 3.25 -0.29 -2.51
CA GLU A 11 4.69 0.02 -2.61
C GLU A 11 5.17 1.04 -1.57
N GLU A 12 4.34 2.01 -1.16
CA GLU A 12 4.65 2.91 -0.02
C GLU A 12 4.84 2.11 1.26
N LEU A 13 4.01 1.09 1.46
CA LEU A 13 4.08 0.14 2.58
C LEU A 13 5.42 -0.63 2.64
N SER A 14 6.25 -0.56 1.58
CA SER A 14 7.61 -1.12 1.56
C SER A 14 8.72 -0.07 1.76
N GLY A 15 8.44 1.24 1.64
CA GLY A 15 9.45 2.30 1.78
C GLY A 15 8.95 3.56 2.50
N ALA A 16 8.00 4.29 1.91
CA ALA A 16 7.42 5.50 2.50
C ALA A 16 6.65 5.26 3.82
N ARG A 17 6.37 3.99 4.17
CA ARG A 17 5.87 3.53 5.48
C ARG A 17 6.42 4.32 6.68
N THR A 18 7.72 4.64 6.69
CA THR A 18 8.41 5.43 7.73
C THR A 18 7.77 6.81 8.00
N PHE A 19 6.99 7.33 7.04
CA PHE A 19 6.29 8.62 7.11
C PHE A 19 4.77 8.46 6.88
N ARG A 20 4.26 7.22 7.00
CA ARG A 20 2.85 6.87 6.82
C ARG A 20 2.38 6.00 8.01
N LEU A 21 2.87 4.76 8.09
CA LEU A 21 2.51 3.61 8.95
C LEU A 21 1.03 3.36 9.38
N ALA A 22 0.07 4.25 9.11
CA ALA A 22 -1.36 4.03 9.36
C ALA A 22 -2.29 4.51 8.22
N PRO A 23 -2.22 5.76 7.70
CA PRO A 23 -3.11 6.23 6.62
C PRO A 23 -3.10 5.38 5.35
N ALA A 24 -1.98 4.67 5.10
CA ALA A 24 -1.81 3.76 3.98
C ALA A 24 -1.89 2.27 4.39
N GLN A 25 -1.85 1.90 5.67
CA GLN A 25 -2.04 0.50 6.11
C GLN A 25 -3.53 0.10 6.15
N TRP A 26 -4.26 0.56 5.13
CA TRP A 26 -5.71 0.50 4.99
C TRP A 26 -6.12 0.31 3.50
N SER A 27 -5.23 -0.34 2.74
CA SER A 27 -5.31 -0.46 1.27
C SER A 27 -5.00 -1.88 0.78
N CYS A 28 -3.72 -2.28 0.78
CA CYS A 28 -3.23 -3.54 0.22
C CYS A 28 -4.01 -4.76 0.75
N ARG A 29 -4.24 -4.77 2.06
CA ARG A 29 -4.95 -5.81 2.81
C ARG A 29 -6.48 -5.85 2.60
N GLU A 30 -7.06 -4.97 1.76
CA GLU A 30 -8.53 -4.83 1.65
C GLU A 30 -9.06 -4.34 0.29
N THR A 31 -8.34 -3.46 -0.41
CA THR A 31 -8.61 -3.10 -1.82
C THR A 31 -8.48 -4.33 -2.74
N PHE A 32 -7.63 -5.30 -2.36
CA PHE A 32 -7.52 -6.61 -3.02
C PHE A 32 -7.24 -7.78 -2.06
N GLN A 33 -7.28 -7.56 -0.74
CA GLN A 33 -7.09 -8.60 0.30
C GLN A 33 -5.68 -9.22 0.34
N ALA A 34 -4.66 -8.43 -0.04
CA ALA A 34 -3.23 -8.78 -0.13
C ALA A 34 -2.86 -9.81 -1.22
N GLY A 1 5.31 0.98 -9.64
CA GLY A 1 5.21 -0.50 -9.76
C GLY A 1 3.84 -0.90 -10.27
N SER A 2 2.81 -0.59 -9.48
CA SER A 2 1.47 -0.26 -10.01
C SER A 2 0.67 -1.39 -10.69
N TYR A 3 0.99 -2.65 -10.38
CA TYR A 3 0.23 -3.86 -10.73
C TYR A 3 -1.30 -3.64 -10.65
N ASP A 4 -1.94 -3.55 -11.83
CA ASP A 4 -3.34 -3.15 -12.08
C ASP A 4 -3.88 -2.08 -11.11
N ALA A 5 -3.06 -1.06 -10.84
CA ALA A 5 -3.26 0.00 -9.85
C ALA A 5 -3.49 -0.44 -8.39
N TYR A 6 -3.42 -1.74 -8.06
CA TYR A 6 -3.60 -2.25 -6.71
C TYR A 6 -2.33 -2.06 -5.87
N ARG A 7 -1.19 -2.53 -6.37
CA ARG A 7 0.08 -2.40 -5.63
C ARG A 7 0.70 -0.99 -5.74
N THR A 8 0.12 -0.09 -6.55
CA THR A 8 0.58 1.29 -6.71
C THR A 8 0.61 2.10 -5.41
N ASP A 9 -0.23 1.70 -4.44
CA ASP A 9 -0.19 2.19 -3.06
C ASP A 9 0.68 1.28 -2.19
N CYS A 10 0.54 -0.05 -2.35
CA CYS A 10 1.33 -1.06 -1.63
C CYS A 10 2.86 -0.98 -1.82
N GLU A 11 3.38 -0.22 -2.80
CA GLU A 11 4.81 0.14 -2.86
C GLU A 11 5.24 1.20 -1.83
N GLU A 12 4.32 2.02 -1.30
CA GLU A 12 4.56 2.83 -0.08
C GLU A 12 4.61 1.96 1.17
N LEU A 13 3.68 1.01 1.30
CA LEU A 13 3.53 0.13 2.48
C LEU A 13 4.74 -0.80 2.72
N SER A 14 5.69 -0.84 1.79
CA SER A 14 6.97 -1.56 1.89
C SER A 14 8.19 -0.62 2.03
N GLY A 15 8.02 0.71 1.93
CA GLY A 15 9.14 1.67 1.96
C GLY A 15 8.80 3.01 2.62
N ALA A 16 7.88 3.79 2.05
CA ALA A 16 7.39 5.03 2.65
C ALA A 16 6.61 4.83 3.96
N ARG A 17 6.22 3.58 4.28
CA ARG A 17 5.61 3.13 5.54
C ARG A 17 6.08 3.87 6.80
N THR A 18 7.38 4.13 6.95
CA THR A 18 7.99 4.84 8.09
C THR A 18 7.43 6.27 8.30
N PHE A 19 6.87 6.86 7.25
CA PHE A 19 6.26 8.20 7.23
C PHE A 19 4.74 8.14 7.02
N ARG A 20 4.15 6.94 7.10
CA ARG A 20 2.73 6.66 6.89
C ARG A 20 2.19 5.85 8.08
N LEU A 21 2.48 4.54 8.14
CA LEU A 21 1.96 3.47 8.99
C LEU A 21 0.47 3.44 9.42
N ALA A 22 -0.35 4.45 9.07
CA ALA A 22 -1.81 4.43 9.22
C ALA A 22 -2.59 5.08 8.04
N PRO A 23 -2.26 6.29 7.52
CA PRO A 23 -2.97 6.91 6.39
C PRO A 23 -2.97 6.10 5.09
N ALA A 24 -2.00 5.19 4.93
CA ALA A 24 -1.88 4.31 3.77
C ALA A 24 -1.96 2.82 4.14
N GLN A 25 -1.75 2.43 5.41
CA GLN A 25 -1.94 1.03 5.90
C GLN A 25 -3.43 0.65 6.03
N TRP A 26 -4.20 0.97 4.99
CA TRP A 26 -5.65 0.78 4.86
C TRP A 26 -6.05 0.48 3.40
N SER A 27 -5.15 -0.16 2.65
CA SER A 27 -5.26 -0.37 1.20
C SER A 27 -4.91 -1.81 0.81
N CYS A 28 -3.62 -2.13 0.66
CA CYS A 28 -3.11 -3.41 0.19
C CYS A 28 -3.70 -4.60 0.95
N ARG A 29 -3.75 -4.46 2.28
CA ARG A 29 -4.33 -5.40 3.24
C ARG A 29 -5.82 -5.73 3.03
N GLU A 30 -6.56 -4.95 2.24
CA GLU A 30 -8.04 -5.03 2.19
C GLU A 30 -8.66 -4.81 0.81
N THR A 31 -8.16 -3.86 0.01
CA THR A 31 -8.59 -3.60 -1.37
C THR A 31 -8.44 -4.84 -2.27
N PHE A 32 -7.44 -5.68 -1.99
CA PHE A 32 -7.20 -6.95 -2.67
C PHE A 32 -6.67 -8.07 -1.75
N GLN A 33 -6.67 -7.85 -0.41
CA GLN A 33 -6.25 -8.83 0.61
C GLN A 33 -4.77 -9.24 0.52
N ALA A 34 -3.91 -8.30 0.09
CA ALA A 34 -2.46 -8.43 -0.16
C ALA A 34 -2.04 -9.40 -1.28
N GLY A 1 6.28 -1.04 -10.02
CA GLY A 1 5.21 -0.89 -9.03
C GLY A 1 3.86 -1.30 -9.59
N SER A 2 2.80 -0.67 -9.09
CA SER A 2 1.49 -0.45 -9.72
C SER A 2 0.77 -1.62 -10.44
N TYR A 3 1.12 -2.88 -10.16
CA TYR A 3 0.42 -4.12 -10.55
C TYR A 3 -1.11 -3.93 -10.62
N ASP A 4 -1.64 -3.85 -11.85
CA ASP A 4 -3.02 -3.51 -12.22
C ASP A 4 -3.71 -2.48 -11.30
N ALA A 5 -2.98 -1.40 -10.96
CA ALA A 5 -3.36 -0.35 -10.01
C ALA A 5 -3.70 -0.81 -8.57
N TYR A 6 -3.43 -2.07 -8.22
CA TYR A 6 -3.65 -2.61 -6.87
C TYR A 6 -2.44 -2.34 -5.96
N ARG A 7 -1.24 -2.83 -6.31
CA ARG A 7 -0.06 -2.65 -5.45
C ARG A 7 0.53 -1.22 -5.51
N THR A 8 -0.03 -0.33 -6.34
CA THR A 8 0.36 1.07 -6.52
C THR A 8 0.45 1.86 -5.21
N ASP A 9 -0.46 1.57 -4.27
CA ASP A 9 -0.43 2.03 -2.87
C ASP A 9 0.60 1.22 -2.07
N CYS A 10 0.51 -0.11 -2.16
CA CYS A 10 1.31 -1.12 -1.45
C CYS A 10 2.83 -1.05 -1.64
N GLU A 11 3.38 -0.14 -2.45
CA GLU A 11 4.82 0.17 -2.48
C GLU A 11 5.22 1.32 -1.56
N GLU A 12 4.32 2.25 -1.18
CA GLU A 12 4.54 3.14 -0.02
C GLU A 12 4.76 2.32 1.24
N LEU A 13 3.98 1.25 1.40
CA LEU A 13 4.04 0.29 2.50
C LEU A 13 5.39 -0.46 2.58
N SER A 14 6.26 -0.32 1.57
CA SER A 14 7.62 -0.86 1.56
C SER A 14 8.73 0.22 1.69
N GLY A 15 8.41 1.51 1.49
CA GLY A 15 9.38 2.61 1.58
C GLY A 15 8.90 3.80 2.40
N ALA A 16 7.87 4.51 1.94
CA ALA A 16 7.28 5.66 2.64
C ALA A 16 6.62 5.31 3.99
N ARG A 17 6.41 4.02 4.28
CA ARG A 17 5.92 3.46 5.56
C ARG A 17 6.43 4.20 6.81
N THR A 18 7.72 4.57 6.87
CA THR A 18 8.35 5.31 7.99
C THR A 18 7.67 6.66 8.30
N PHE A 19 6.92 7.22 7.35
CA PHE A 19 6.13 8.45 7.48
C PHE A 19 4.65 8.23 7.11
N ARG A 20 4.19 6.96 7.11
CA ARG A 20 2.79 6.57 6.90
C ARG A 20 2.36 5.63 8.05
N LEU A 21 2.74 4.34 7.98
CA LEU A 21 2.35 3.19 8.80
C LEU A 21 0.90 3.02 9.32
N ALA A 22 0.00 3.98 9.09
CA ALA A 22 -1.44 3.86 9.32
C ALA A 22 -2.32 4.45 8.19
N PRO A 23 -2.11 5.68 7.65
CA PRO A 23 -2.92 6.24 6.56
C PRO A 23 -2.95 5.42 5.27
N ALA A 24 -1.91 4.59 5.03
CA ALA A 24 -1.79 3.75 3.84
C ALA A 24 -1.84 2.23 4.16
N GLN A 25 -1.65 1.83 5.43
CA GLN A 25 -1.85 0.44 5.91
C GLN A 25 -3.34 0.04 5.99
N TRP A 26 -4.16 0.65 5.13
CA TRP A 26 -5.62 0.58 5.05
C TRP A 26 -6.08 0.40 3.58
N SER A 27 -5.16 -0.06 2.71
CA SER A 27 -5.39 -0.24 1.28
C SER A 27 -4.99 -1.66 0.84
N CYS A 28 -3.68 -1.97 0.81
CA CYS A 28 -3.18 -3.22 0.23
C CYS A 28 -3.85 -4.48 0.81
N ARG A 29 -4.02 -4.49 2.12
CA ARG A 29 -4.65 -5.57 2.89
C ARG A 29 -6.17 -5.72 2.70
N GLU A 30 -6.84 -4.86 1.91
CA GLU A 30 -8.32 -4.81 1.84
C GLU A 30 -8.93 -4.35 0.50
N THR A 31 -8.31 -3.40 -0.21
CA THR A 31 -8.69 -3.01 -1.59
C THR A 31 -8.64 -4.19 -2.56
N PHE A 32 -7.74 -5.15 -2.29
CA PHE A 32 -7.63 -6.43 -3.02
C PHE A 32 -7.25 -7.62 -2.11
N GLN A 33 -7.23 -7.43 -0.78
CA GLN A 33 -6.95 -8.47 0.23
C GLN A 33 -5.52 -9.06 0.17
N ALA A 34 -4.54 -8.21 -0.16
CA ALA A 34 -3.11 -8.51 -0.33
C ALA A 34 -2.76 -9.50 -1.47
N GLY A 1 5.41 0.89 -9.31
CA GLY A 1 5.20 -0.56 -9.47
C GLY A 1 3.79 -0.87 -9.91
N SER A 2 2.78 -0.44 -9.14
CA SER A 2 1.41 -0.14 -9.60
C SER A 2 0.68 -1.21 -10.42
N TYR A 3 0.91 -2.50 -10.12
CA TYR A 3 0.16 -3.67 -10.60
C TYR A 3 -1.34 -3.38 -10.73
N ASP A 4 -1.81 -3.15 -11.96
CA ASP A 4 -3.15 -2.65 -12.33
C ASP A 4 -3.76 -1.62 -11.35
N ALA A 5 -2.90 -0.70 -10.86
CA ALA A 5 -3.18 0.29 -9.81
C ALA A 5 -3.61 -0.27 -8.43
N TYR A 6 -3.54 -1.59 -8.18
CA TYR A 6 -3.80 -2.19 -6.86
C TYR A 6 -2.59 -2.04 -5.93
N ARG A 7 -1.40 -2.53 -6.33
CA ARG A 7 -0.21 -2.45 -5.46
C ARG A 7 0.46 -1.07 -5.46
N THR A 8 -0.07 -0.10 -6.22
CA THR A 8 0.43 1.29 -6.30
C THR A 8 0.52 1.98 -4.92
N ASP A 9 -0.40 1.61 -4.02
CA ASP A 9 -0.36 1.98 -2.60
C ASP A 9 0.64 1.08 -1.85
N CYS A 10 0.51 -0.25 -2.03
CA CYS A 10 1.32 -1.29 -1.41
C CYS A 10 2.84 -1.22 -1.64
N GLU A 11 3.35 -0.40 -2.57
CA GLU A 11 4.80 -0.09 -2.67
C GLU A 11 5.26 0.97 -1.66
N GLU A 12 4.39 1.91 -1.23
CA GLU A 12 4.68 2.79 -0.08
C GLU A 12 4.81 1.97 1.20
N LEU A 13 3.94 0.97 1.39
CA LEU A 13 3.95 0.06 2.53
C LEU A 13 5.28 -0.71 2.68
N SER A 14 6.08 -0.82 1.61
CA SER A 14 7.41 -1.44 1.65
C SER A 14 8.51 -0.49 2.19
N GLY A 15 8.39 0.82 1.95
CA GLY A 15 9.46 1.80 2.22
C GLY A 15 9.01 3.15 2.77
N ALA A 16 8.10 3.86 2.09
CA ALA A 16 7.53 5.13 2.57
C ALA A 16 6.68 4.97 3.86
N ARG A 17 6.32 3.73 4.24
CA ARG A 17 5.73 3.34 5.53
C ARG A 17 6.21 4.16 6.74
N THR A 18 7.50 4.48 6.83
CA THR A 18 8.13 5.28 7.90
C THR A 18 7.51 6.69 8.07
N PHE A 19 6.82 7.19 7.03
CA PHE A 19 6.12 8.48 7.02
C PHE A 19 4.61 8.32 6.76
N ARG A 20 4.09 7.09 6.89
CA ARG A 20 2.67 6.76 6.74
C ARG A 20 2.20 5.90 7.92
N LEU A 21 2.57 4.60 7.91
CA LEU A 21 2.11 3.48 8.73
C LEU A 21 0.61 3.34 9.13
N ALA A 22 -0.26 4.32 8.84
CA ALA A 22 -1.71 4.24 9.00
C ALA A 22 -2.53 4.82 7.81
N PRO A 23 -2.22 5.99 7.20
CA PRO A 23 -2.94 6.52 6.02
C PRO A 23 -2.93 5.62 4.79
N ALA A 24 -1.95 4.71 4.69
CA ALA A 24 -1.75 3.80 3.56
C ALA A 24 -1.92 2.31 3.93
N GLN A 25 -1.72 1.94 5.21
CA GLN A 25 -1.97 0.59 5.76
C GLN A 25 -3.48 0.22 5.87
N TRP A 26 -4.28 0.78 4.96
CA TRP A 26 -5.73 0.70 4.82
C TRP A 26 -6.15 0.47 3.34
N SER A 27 -5.23 -0.11 2.55
CA SER A 27 -5.42 -0.33 1.11
C SER A 27 -5.01 -1.77 0.71
N CYS A 28 -3.71 -2.06 0.66
CA CYS A 28 -3.20 -3.34 0.12
C CYS A 28 -3.88 -4.57 0.75
N ARG A 29 -3.91 -4.58 2.09
CA ARG A 29 -4.50 -5.63 2.92
C ARG A 29 -6.05 -5.70 2.91
N GLU A 30 -6.74 -4.90 2.08
CA GLU A 30 -8.21 -4.92 1.98
C GLU A 30 -8.76 -4.78 0.56
N THR A 31 -8.23 -3.86 -0.25
CA THR A 31 -8.59 -3.67 -1.67
C THR A 31 -8.35 -4.94 -2.49
N PHE A 32 -7.35 -5.75 -2.11
CA PHE A 32 -7.12 -7.10 -2.66
C PHE A 32 -6.67 -8.12 -1.60
N GLN A 33 -6.86 -7.81 -0.31
CA GLN A 33 -6.57 -8.70 0.84
C GLN A 33 -5.08 -9.08 1.00
N ALA A 34 -4.16 -8.27 0.45
CA ALA A 34 -2.69 -8.35 0.46
C ALA A 34 -2.08 -9.16 -0.71
#